data_7CJ4
#
_entry.id   7CJ4
#
_cell.length_a   45.730
_cell.length_b   80.720
_cell.length_c   139.450
_cell.angle_alpha   90.000
_cell.angle_beta   90.000
_cell.angle_gamma   90.000
#
_symmetry.space_group_name_H-M   'P 21 21 21'
#
loop_
_entity.id
_entity.type
_entity.pdbx_description
1 polymer Epimerase
2 non-polymer 'MANGANESE (II) ION'
3 water water
#
_entity_poly.entity_id   1
_entity_poly.type   'polypeptide(L)'
_entity_poly.pdbx_seq_one_letter_code
;MAFPKRLEYGGHALVWSGDWSAAGARKAIAGAARAGYDYIEIALLDPWQIDVALTKDLLQEYNLRAHASLGLSAATDVTS
TDPAIVAKGDELLRKATDVLYALGGSELCGVIYCALGKYPGPASRENRANSVAAMQRLADYAADKGINIDLEVVNRYETN
IMNTGLEGLAFLDEVNRPNAFLHLDTYHMNIEENGMAKSVLAAGDRLGYVHIGESHRGYLGTGNVDFASFFAALKQIDYR
GPITFESFSSEIVDPKLSNTLCVWRNLWHDSDDLAGKALEFIKQRYGSHHHHHH
;
_entity_poly.pdbx_strand_id   A,B
#
loop_
_chem_comp.id
_chem_comp.type
_chem_comp.name
_chem_comp.formula
MN non-polymer 'MANGANESE (II) ION' 'Mn 2'
#
# COMPACT_ATOMS: atom_id res chain seq x y z
N ALA A 2 -0.55 29.29 -15.43
CA ALA A 2 0.62 28.50 -14.96
C ALA A 2 1.76 29.45 -14.62
N PHE A 3 2.45 29.19 -13.50
CA PHE A 3 3.61 29.98 -13.03
C PHE A 3 4.86 29.19 -13.37
N PRO A 4 6.03 29.85 -13.55
CA PRO A 4 7.23 29.19 -14.03
C PRO A 4 7.60 27.94 -13.22
N LYS A 5 7.96 26.87 -13.92
CA LYS A 5 8.54 25.62 -13.37
C LYS A 5 9.96 25.44 -13.92
N ARG A 6 10.85 24.92 -13.09
CA ARG A 6 12.27 24.61 -13.44
C ARG A 6 12.59 23.19 -12.95
N LEU A 7 13.50 22.51 -13.63
CA LEU A 7 14.08 21.24 -13.12
C LEU A 7 14.90 21.59 -11.88
N GLU A 8 14.42 21.22 -10.70
CA GLU A 8 15.15 21.43 -9.43
C GLU A 8 14.93 20.23 -8.51
N TYR A 9 15.88 19.99 -7.61
CA TYR A 9 15.96 18.79 -6.75
C TYR A 9 15.73 19.21 -5.29
N GLY A 10 14.76 18.58 -4.65
CA GLY A 10 14.35 18.89 -3.26
C GLY A 10 14.39 17.65 -2.38
N GLY A 11 14.53 17.87 -1.07
CA GLY A 11 14.39 16.81 -0.05
C GLY A 11 13.18 17.07 0.83
N HIS A 12 12.39 16.03 1.11
CA HIS A 12 11.21 16.12 2.01
C HIS A 12 11.71 16.37 3.44
N ALA A 13 11.06 17.26 4.17
CA ALA A 13 11.43 17.68 5.54
C ALA A 13 11.69 16.46 6.44
N LEU A 14 10.86 15.41 6.32
CA LEU A 14 10.84 14.24 7.24
C LEU A 14 12.05 13.33 6.97
N VAL A 15 12.89 13.67 6.00
CA VAL A 15 14.24 13.03 5.87
C VAL A 15 15.10 13.48 7.06
N TRP A 16 14.85 14.68 7.59
CA TRP A 16 15.71 15.34 8.62
C TRP A 16 14.94 15.57 9.93
N SER A 17 13.70 16.06 9.84
CA SER A 17 12.94 16.62 11.00
C SER A 17 11.51 16.06 11.05
N GLY A 18 11.08 15.61 12.23
CA GLY A 18 9.70 15.15 12.49
C GLY A 18 8.77 16.30 12.82
N ASP A 19 9.31 17.44 13.22
CA ASP A 19 8.53 18.66 13.58
C ASP A 19 9.17 19.88 12.91
N TRP A 20 8.43 20.98 12.78
CA TRP A 20 8.92 22.25 12.19
C TRP A 20 8.98 23.34 13.26
N SER A 21 9.63 23.01 14.39
CA SER A 21 10.11 23.95 15.44
C SER A 21 11.26 24.76 14.86
N ALA A 22 11.71 25.79 15.57
CA ALA A 22 12.88 26.61 15.17
C ALA A 22 14.08 25.68 14.91
N ALA A 23 14.36 24.77 15.85
CA ALA A 23 15.47 23.80 15.79
C ALA A 23 15.26 22.85 14.61
N GLY A 24 14.10 22.18 14.59
CA GLY A 24 13.70 21.23 13.53
C GLY A 24 13.89 21.85 12.15
N ALA A 25 13.50 23.11 12.01
CA ALA A 25 13.53 23.86 10.73
C ALA A 25 15.00 24.07 10.33
N ARG A 26 15.82 24.53 11.27
CA ARG A 26 17.28 24.78 11.02
C ARG A 26 17.93 23.47 10.60
N LYS A 27 17.62 22.39 11.31
CA LYS A 27 18.25 21.05 11.10
C LYS A 27 17.96 20.59 9.67
N ALA A 28 16.69 20.63 9.27
CA ALA A 28 16.22 20.14 7.95
C ALA A 28 16.82 21.01 6.85
N ILE A 29 16.74 22.32 7.00
CA ILE A 29 17.19 23.31 5.97
C ILE A 29 18.71 23.18 5.77
N ALA A 30 19.48 23.18 6.86
CA ALA A 30 20.94 22.91 6.88
C ALA A 30 21.19 21.54 6.24
N GLY A 31 20.42 20.53 6.64
CA GLY A 31 20.46 19.16 6.07
C GLY A 31 20.37 19.17 4.56
N ALA A 32 19.32 19.77 4.00
CA ALA A 32 19.04 19.77 2.54
C ALA A 32 20.15 20.51 1.80
N ALA A 33 20.53 21.69 2.31
CA ALA A 33 21.60 22.55 1.73
C ALA A 33 22.91 21.78 1.74
N ARG A 34 23.24 21.15 2.86
CA ARG A 34 24.48 20.33 3.06
C ARG A 34 24.54 19.22 2.01
N ALA A 35 23.41 18.59 1.69
CA ALA A 35 23.32 17.43 0.77
C ALA A 35 23.40 17.92 -0.69
N GLY A 36 23.14 19.20 -0.92
CA GLY A 36 23.27 19.85 -2.24
C GLY A 36 21.93 19.97 -2.94
N TYR A 37 20.83 19.87 -2.19
CA TYR A 37 19.45 20.07 -2.71
C TYR A 37 19.25 21.55 -3.05
N ASP A 38 18.47 21.81 -4.11
CA ASP A 38 18.06 23.17 -4.54
C ASP A 38 16.98 23.71 -3.60
N TYR A 39 16.13 22.85 -3.04
CA TYR A 39 15.00 23.28 -2.21
C TYR A 39 14.68 22.23 -1.14
N ILE A 40 13.99 22.67 -0.09
CA ILE A 40 13.37 21.78 0.92
C ILE A 40 11.86 21.77 0.68
N GLU A 41 11.22 20.60 0.78
CA GLU A 41 9.74 20.49 0.74
C GLU A 41 9.22 20.38 2.18
N ILE A 42 8.56 21.45 2.65
CA ILE A 42 8.06 21.57 4.05
C ILE A 42 6.68 20.91 4.12
N ALA A 43 6.50 20.02 5.10
CA ALA A 43 5.21 19.36 5.41
C ALA A 43 4.35 20.35 6.21
N LEU A 44 3.20 20.75 5.66
CA LEU A 44 2.33 21.81 6.24
C LEU A 44 0.97 21.21 6.64
N LEU A 45 0.97 20.09 7.37
CA LEU A 45 -0.30 19.45 7.84
C LEU A 45 -1.01 20.41 8.80
N ASP A 46 -0.24 21.17 9.59
CA ASP A 46 -0.75 22.27 10.47
C ASP A 46 -0.04 23.56 10.10
N PRO A 47 -0.56 24.34 9.13
CA PRO A 47 0.13 25.52 8.63
C PRO A 47 0.17 26.72 9.59
N TRP A 48 -0.45 26.62 10.77
CA TRP A 48 -0.49 27.70 11.79
C TRP A 48 0.68 27.59 12.79
N GLN A 49 1.34 26.43 12.86
CA GLN A 49 2.37 26.18 13.92
C GLN A 49 3.76 26.60 13.42
N ILE A 50 3.91 26.84 12.11
CA ILE A 50 5.21 27.23 11.46
C ILE A 50 5.51 28.70 11.76
N ASP A 51 6.71 29.00 12.26
CA ASP A 51 7.21 30.41 12.41
C ASP A 51 7.77 30.84 11.07
N VAL A 52 6.95 31.51 10.25
CA VAL A 52 7.24 31.82 8.82
C VAL A 52 8.48 32.71 8.74
N ALA A 53 8.57 33.76 9.57
CA ALA A 53 9.69 34.73 9.57
C ALA A 53 11.01 34.00 9.81
N LEU A 54 11.04 33.11 10.82
CA LEU A 54 12.24 32.33 11.21
C LEU A 54 12.62 31.41 10.03
N THR A 55 11.64 30.72 9.43
CA THR A 55 11.85 29.79 8.29
C THR A 55 12.43 30.57 7.11
N LYS A 56 11.86 31.74 6.81
CA LYS A 56 12.29 32.64 5.71
C LYS A 56 13.76 33.02 5.92
N ASP A 57 14.12 33.41 7.14
CA ASP A 57 15.51 33.77 7.53
C ASP A 57 16.43 32.56 7.30
N LEU A 58 15.96 31.37 7.65
CA LEU A 58 16.76 30.12 7.53
C LEU A 58 17.04 29.84 6.04
N LEU A 59 16.02 30.01 5.19
CA LEU A 59 16.13 29.79 3.73
C LEU A 59 17.17 30.77 3.16
N GLN A 60 17.11 32.04 3.56
CA GLN A 60 18.11 33.07 3.17
C GLN A 60 19.49 32.59 3.63
N GLU A 61 19.60 32.30 4.93
CA GLU A 61 20.87 31.94 5.62
C GLU A 61 21.55 30.79 4.87
N TYR A 62 20.81 29.78 4.43
CA TYR A 62 21.35 28.54 3.81
C TYR A 62 21.15 28.58 2.29
N ASN A 63 20.72 29.72 1.75
CA ASN A 63 20.53 29.94 0.29
C ASN A 63 19.72 28.78 -0.31
N LEU A 64 18.58 28.45 0.30
CA LEU A 64 17.77 27.29 -0.10
C LEU A 64 16.34 27.73 -0.38
N ARG A 65 15.74 27.23 -1.46
CA ARG A 65 14.33 27.47 -1.82
C ARG A 65 13.43 26.49 -1.06
N ALA A 66 12.12 26.77 -1.07
CA ALA A 66 11.09 25.95 -0.40
C ALA A 66 9.88 25.81 -1.32
N HIS A 67 9.34 24.59 -1.40
CA HIS A 67 7.94 24.29 -1.79
C HIS A 67 7.25 23.65 -0.57
N ALA A 68 5.94 23.46 -0.62
CA ALA A 68 5.18 22.88 0.50
C ALA A 68 4.29 21.74 0.00
N SER A 69 4.21 20.66 0.77
CA SER A 69 3.20 19.59 0.58
C SER A 69 2.38 19.49 1.87
N LEU A 70 1.18 18.93 1.79
CA LEU A 70 0.39 18.56 2.97
C LEU A 70 -0.64 17.51 2.58
N GLY A 71 -1.16 16.79 3.57
CA GLY A 71 -2.38 16.00 3.46
C GLY A 71 -3.41 16.56 4.40
N LEU A 72 -4.66 16.70 3.95
CA LEU A 72 -5.78 17.12 4.83
C LEU A 72 -6.04 15.99 5.84
N SER A 73 -6.91 16.25 6.82
CA SER A 73 -7.38 15.27 7.83
C SER A 73 -8.90 15.18 7.74
N ALA A 74 -9.52 14.24 8.47
CA ALA A 74 -11.00 14.09 8.56
C ALA A 74 -11.65 15.46 8.78
N ALA A 75 -11.06 16.28 9.65
CA ALA A 75 -11.59 17.59 10.07
C ALA A 75 -11.55 18.60 8.91
N THR A 76 -10.70 18.37 7.90
CA THR A 76 -10.45 19.34 6.80
C THR A 76 -10.61 18.67 5.44
N ASP A 77 -11.38 17.59 5.37
CA ASP A 77 -11.57 16.74 4.17
C ASP A 77 -12.51 17.46 3.18
N VAL A 78 -11.99 17.96 2.06
CA VAL A 78 -12.76 18.81 1.09
C VAL A 78 -13.68 17.93 0.23
N THR A 79 -13.59 16.60 0.35
CA THR A 79 -14.49 15.64 -0.32
C THR A 79 -15.78 15.49 0.51
N SER A 80 -15.72 15.86 1.79
CA SER A 80 -16.84 15.68 2.77
C SER A 80 -18.14 16.26 2.22
N THR A 81 -19.23 15.48 2.31
CA THR A 81 -20.61 15.96 2.06
C THR A 81 -21.07 16.82 3.25
N ASP A 82 -20.17 17.10 4.20
CA ASP A 82 -20.41 18.05 5.33
C ASP A 82 -19.83 19.41 4.95
N PRO A 83 -20.67 20.41 4.62
CA PRO A 83 -20.19 21.71 4.15
C PRO A 83 -19.20 22.36 5.13
N ALA A 84 -19.43 22.20 6.44
CA ALA A 84 -18.59 22.77 7.52
C ALA A 84 -17.17 22.22 7.38
N ILE A 85 -17.04 20.91 7.13
CA ILE A 85 -15.73 20.22 7.05
C ILE A 85 -14.99 20.70 5.79
N VAL A 86 -15.72 20.95 4.70
CA VAL A 86 -15.15 21.46 3.42
C VAL A 86 -14.59 22.86 3.68
N ALA A 87 -15.33 23.68 4.42
CA ALA A 87 -14.95 25.08 4.74
C ALA A 87 -13.66 25.10 5.56
N LYS A 88 -13.51 24.16 6.51
CA LYS A 88 -12.27 24.01 7.33
C LYS A 88 -11.10 23.68 6.39
N GLY A 89 -11.34 22.82 5.38
CA GLY A 89 -10.34 22.44 4.37
C GLY A 89 -9.90 23.64 3.54
N ASP A 90 -10.86 24.36 2.97
CA ASP A 90 -10.64 25.61 2.21
C ASP A 90 -9.73 26.51 3.04
N GLU A 91 -10.05 26.66 4.33
CA GLU A 91 -9.36 27.57 5.28
C GLU A 91 -7.91 27.12 5.49
N LEU A 92 -7.68 25.81 5.63
CA LEU A 92 -6.34 25.24 5.85
C LEU A 92 -5.50 25.41 4.57
N LEU A 93 -6.10 25.22 3.39
CA LEU A 93 -5.38 25.27 2.09
C LEU A 93 -4.99 26.73 1.77
N ARG A 94 -5.82 27.69 2.16
CA ARG A 94 -5.51 29.13 1.99
C ARG A 94 -4.34 29.48 2.91
N LYS A 95 -4.40 29.04 4.18
CA LYS A 95 -3.31 29.28 5.17
C LYS A 95 -2.00 28.69 4.62
N ALA A 96 -2.05 27.47 4.10
CA ALA A 96 -0.88 26.76 3.53
C ALA A 96 -0.33 27.56 2.35
N THR A 97 -1.22 28.04 1.48
CA THR A 97 -0.89 28.90 0.32
C THR A 97 -0.20 30.16 0.83
N ASP A 98 -0.75 30.80 1.87
CA ASP A 98 -0.24 32.08 2.45
C ASP A 98 1.20 31.85 2.96
N VAL A 99 1.41 30.77 3.71
CA VAL A 99 2.73 30.41 4.29
C VAL A 99 3.73 30.21 3.15
N LEU A 100 3.32 29.47 2.13
CA LEU A 100 4.15 29.13 0.95
C LEU A 100 4.52 30.40 0.21
N TYR A 101 3.55 31.31 0.02
CA TYR A 101 3.78 32.62 -0.62
C TYR A 101 4.83 33.39 0.17
N ALA A 102 4.66 33.40 1.51
CA ALA A 102 5.50 34.14 2.47
C ALA A 102 6.95 33.66 2.38
N LEU A 103 7.16 32.38 2.05
CA LEU A 103 8.51 31.78 1.96
C LEU A 103 9.05 31.87 0.51
N GLY A 104 8.37 32.62 -0.36
CA GLY A 104 8.77 32.80 -1.77
C GLY A 104 8.60 31.53 -2.59
N GLY A 105 7.72 30.62 -2.16
CA GLY A 105 7.47 29.32 -2.82
C GLY A 105 6.51 29.45 -3.99
N SER A 106 6.51 28.48 -4.91
CA SER A 106 5.68 28.49 -6.14
C SER A 106 4.92 27.17 -6.32
N GLU A 107 5.12 26.16 -5.47
CA GLU A 107 4.41 24.87 -5.60
C GLU A 107 3.79 24.44 -4.26
N LEU A 108 2.46 24.30 -4.24
CA LEU A 108 1.70 23.59 -3.17
C LEU A 108 1.25 22.23 -3.73
N CYS A 109 1.79 21.13 -3.18
CA CYS A 109 1.61 19.75 -3.70
C CYS A 109 1.22 18.78 -2.57
N GLY A 110 1.12 17.49 -2.91
CA GLY A 110 0.73 16.42 -1.96
C GLY A 110 -0.75 16.11 -2.04
N VAL A 111 -1.31 15.53 -0.98
CA VAL A 111 -2.73 15.08 -0.92
C VAL A 111 -3.57 16.26 -0.40
N ILE A 112 -3.73 17.28 -1.25
CA ILE A 112 -4.38 18.58 -0.89
C ILE A 112 -5.87 18.52 -1.23
N TYR A 113 -6.35 17.40 -1.79
CA TYR A 113 -7.69 17.29 -2.42
C TYR A 113 -8.60 16.34 -1.61
N CYS A 114 -8.09 15.77 -0.51
CA CYS A 114 -8.84 14.84 0.35
C CYS A 114 -8.06 14.61 1.65
N ALA A 115 -8.71 13.96 2.62
CA ALA A 115 -8.06 13.46 3.86
C ALA A 115 -7.01 12.41 3.45
N LEU A 116 -5.76 12.62 3.86
CA LEU A 116 -4.66 11.63 3.70
C LEU A 116 -4.89 10.50 4.70
N GLY A 117 -5.10 9.28 4.22
CA GLY A 117 -5.30 8.09 5.07
C GLY A 117 -6.16 7.03 4.40
N LYS A 118 -6.63 6.08 5.20
CA LYS A 118 -7.33 4.85 4.73
C LYS A 118 -8.84 5.01 4.90
N TYR A 119 -9.53 5.42 3.83
CA TYR A 119 -11.01 5.59 3.77
C TYR A 119 -11.69 4.26 4.03
N PRO A 120 -12.77 4.22 4.84
CA PRO A 120 -13.47 2.96 5.13
C PRO A 120 -14.29 2.40 3.95
N GLY A 121 -14.43 3.16 2.87
CA GLY A 121 -15.26 2.77 1.71
C GLY A 121 -15.01 3.68 0.50
N PRO A 122 -15.60 3.37 -0.68
CA PRO A 122 -15.31 4.12 -1.91
C PRO A 122 -15.89 5.54 -1.89
N ALA A 123 -15.38 6.40 -2.77
CA ALA A 123 -15.81 7.80 -2.93
C ALA A 123 -17.07 7.85 -3.79
N SER A 124 -18.13 8.49 -3.31
CA SER A 124 -19.36 8.84 -4.09
C SER A 124 -18.99 9.90 -5.13
N ARG A 125 -19.85 10.15 -6.13
CA ARG A 125 -19.60 11.21 -7.13
C ARG A 125 -19.60 12.58 -6.42
N GLU A 126 -20.38 12.68 -5.33
CA GLU A 126 -20.49 13.93 -4.52
C GLU A 126 -19.14 14.21 -3.86
N ASN A 127 -18.45 13.16 -3.40
CA ASN A 127 -17.08 13.25 -2.81
C ASN A 127 -16.13 13.82 -3.86
N ARG A 128 -16.13 13.26 -5.07
CA ARG A 128 -15.26 13.69 -6.19
C ARG A 128 -15.63 15.13 -6.59
N ALA A 129 -16.92 15.41 -6.75
CA ALA A 129 -17.46 16.73 -7.15
C ALA A 129 -17.02 17.80 -6.15
N ASN A 130 -17.18 17.52 -4.85
CA ASN A 130 -16.76 18.42 -3.76
C ASN A 130 -15.26 18.66 -3.86
N SER A 131 -14.49 17.61 -4.15
CA SER A 131 -13.01 17.66 -4.33
C SER A 131 -12.67 18.59 -5.49
N VAL A 132 -13.31 18.40 -6.65
CA VAL A 132 -13.01 19.19 -7.87
C VAL A 132 -13.27 20.67 -7.56
N ALA A 133 -14.43 20.97 -6.97
CA ALA A 133 -14.86 22.35 -6.66
C ALA A 133 -13.87 23.02 -5.71
N ALA A 134 -13.29 22.26 -4.77
CA ALA A 134 -12.36 22.75 -3.73
C ALA A 134 -11.01 23.08 -4.35
N MET A 135 -10.57 22.29 -5.34
CA MET A 135 -9.28 22.49 -6.03
C MET A 135 -9.38 23.67 -7.00
N GLN A 136 -10.60 23.93 -7.50
CA GLN A 136 -10.91 25.13 -8.31
C GLN A 136 -10.78 26.37 -7.43
N ARG A 137 -11.39 26.36 -6.24
CA ARG A 137 -11.34 27.50 -5.28
C ARG A 137 -9.87 27.72 -4.86
N LEU A 138 -9.16 26.64 -4.55
CA LEU A 138 -7.74 26.71 -4.12
C LEU A 138 -6.89 27.23 -5.31
N ALA A 139 -7.09 26.68 -6.51
CA ALA A 139 -6.33 27.09 -7.72
C ALA A 139 -6.53 28.60 -7.95
N ASP A 140 -7.75 29.10 -7.77
CA ASP A 140 -8.10 30.53 -8.00
C ASP A 140 -7.42 31.40 -6.92
N TYR A 141 -7.38 30.92 -5.67
CA TYR A 141 -6.72 31.63 -4.54
C TYR A 141 -5.20 31.64 -4.76
N ALA A 142 -4.65 30.48 -5.10
CA ALA A 142 -3.20 30.29 -5.36
C ALA A 142 -2.77 31.25 -6.47
N ALA A 143 -3.59 31.37 -7.52
CA ALA A 143 -3.23 32.09 -8.78
C ALA A 143 -2.93 33.56 -8.46
N ASP A 144 -3.52 34.12 -7.40
CA ASP A 144 -3.32 35.54 -7.00
C ASP A 144 -1.92 35.69 -6.40
N LYS A 145 -1.30 34.59 -5.98
CA LYS A 145 -0.01 34.59 -5.22
C LYS A 145 1.07 33.85 -6.01
N GLY A 146 0.89 33.72 -7.33
CA GLY A 146 1.87 33.08 -8.24
C GLY A 146 2.20 31.66 -7.82
N ILE A 147 1.23 30.91 -7.32
CA ILE A 147 1.46 29.53 -6.80
C ILE A 147 0.72 28.53 -7.68
N ASN A 148 1.43 27.50 -8.13
CA ASN A 148 0.86 26.30 -8.81
C ASN A 148 0.47 25.28 -7.74
N ILE A 149 -0.67 24.59 -7.90
CA ILE A 149 -1.03 23.40 -7.08
C ILE A 149 -0.86 22.15 -7.94
N ASP A 150 -0.29 21.09 -7.35
CA ASP A 150 -0.03 19.79 -7.98
C ASP A 150 -0.72 18.72 -7.11
N LEU A 151 -1.74 18.05 -7.65
CA LEU A 151 -2.50 17.02 -6.92
C LEU A 151 -1.70 15.71 -6.98
N GLU A 152 -1.24 15.22 -5.82
CA GLU A 152 -0.42 13.99 -5.74
C GLU A 152 -1.33 12.75 -5.82
N VAL A 153 -1.16 11.96 -6.88
CA VAL A 153 -1.85 10.63 -6.99
C VAL A 153 -1.17 9.69 -6.00
N VAL A 154 -1.93 9.17 -5.02
CA VAL A 154 -1.41 8.23 -3.97
C VAL A 154 -2.16 6.90 -4.04
N ASN A 155 -1.63 5.87 -3.37
CA ASN A 155 -2.17 4.49 -3.44
C ASN A 155 -3.50 4.42 -2.67
N ARG A 156 -4.16 3.27 -2.78
CA ARG A 156 -5.56 3.00 -2.39
C ARG A 156 -5.74 3.17 -0.88
N TYR A 157 -4.66 3.02 -0.10
CA TYR A 157 -4.67 3.08 1.38
C TYR A 157 -4.54 4.52 1.87
N GLU A 158 -4.36 5.48 0.94
CA GLU A 158 -4.06 6.90 1.28
C GLU A 158 -5.09 7.84 0.64
N THR A 159 -5.81 7.38 -0.39
CA THR A 159 -6.96 8.11 -1.00
C THR A 159 -7.90 7.16 -1.73
N ASN A 160 -9.18 7.53 -1.77
CA ASN A 160 -10.23 6.81 -2.54
C ASN A 160 -10.59 7.62 -3.79
N ILE A 161 -9.90 8.74 -4.04
CA ILE A 161 -10.30 9.70 -5.12
C ILE A 161 -9.56 9.38 -6.43
N MET A 162 -8.24 9.20 -6.38
CA MET A 162 -7.43 8.93 -7.60
C MET A 162 -6.14 8.19 -7.24
N ASN A 163 -5.97 6.99 -7.77
CA ASN A 163 -4.86 6.09 -7.38
C ASN A 163 -3.87 5.96 -8.56
N THR A 164 -4.24 6.42 -9.75
CA THR A 164 -3.35 6.40 -10.94
C THR A 164 -3.29 7.77 -11.61
N GLY A 165 -2.18 8.03 -12.31
CA GLY A 165 -1.97 9.27 -13.09
C GLY A 165 -3.12 9.51 -14.04
N LEU A 166 -3.64 8.44 -14.67
CA LEU A 166 -4.74 8.53 -15.67
C LEU A 166 -6.00 9.04 -14.97
N GLU A 167 -6.27 8.55 -13.76
CA GLU A 167 -7.41 8.99 -12.92
C GLU A 167 -7.20 10.47 -12.54
N GLY A 168 -5.96 10.85 -12.19
CA GLY A 168 -5.60 12.22 -11.81
C GLY A 168 -5.82 13.20 -12.95
N LEU A 169 -5.49 12.80 -14.17
CA LEU A 169 -5.61 13.64 -15.39
C LEU A 169 -7.09 13.90 -15.68
N ALA A 170 -7.93 12.87 -15.57
CA ALA A 170 -9.40 12.98 -15.68
C ALA A 170 -9.93 13.98 -14.65
N PHE A 171 -9.59 13.81 -13.36
CA PHE A 171 -10.01 14.71 -12.25
C PHE A 171 -9.56 16.14 -12.61
N LEU A 172 -8.33 16.31 -13.13
CA LEU A 172 -7.72 17.63 -13.43
C LEU A 172 -8.50 18.34 -14.52
N ASP A 173 -8.98 17.57 -15.51
CA ASP A 173 -9.73 18.11 -16.67
C ASP A 173 -11.07 18.64 -16.17
N GLU A 174 -11.62 18.06 -15.10
CA GLU A 174 -12.85 18.55 -14.42
C GLU A 174 -12.52 19.82 -13.62
N VAL A 175 -11.38 19.85 -12.93
CA VAL A 175 -10.90 21.08 -12.21
C VAL A 175 -10.77 22.20 -13.24
N ASN A 176 -10.01 21.96 -14.33
CA ASN A 176 -9.89 22.87 -15.50
C ASN A 176 -9.34 24.23 -15.04
N ARG A 177 -8.16 24.22 -14.42
CA ARG A 177 -7.41 25.45 -14.03
C ARG A 177 -6.00 25.36 -14.62
N PRO A 178 -5.46 26.47 -15.15
CA PRO A 178 -4.16 26.44 -15.83
C PRO A 178 -3.00 26.24 -14.85
N ASN A 179 -3.21 26.53 -13.56
CA ASN A 179 -2.14 26.43 -12.53
C ASN A 179 -2.35 25.17 -11.70
N ALA A 180 -3.27 24.28 -12.10
CA ALA A 180 -3.47 22.96 -11.44
C ALA A 180 -2.78 21.87 -12.27
N PHE A 181 -1.95 21.04 -11.64
CA PHE A 181 -1.12 20.00 -12.31
C PHE A 181 -1.25 18.66 -11.60
N LEU A 182 -0.77 17.61 -12.28
CA LEU A 182 -0.62 16.25 -11.73
C LEU A 182 0.69 16.19 -10.96
N HIS A 183 0.69 15.48 -9.82
CA HIS A 183 1.86 15.20 -8.96
C HIS A 183 1.99 13.68 -8.85
N LEU A 184 3.09 13.12 -9.38
CA LEU A 184 3.34 11.66 -9.41
C LEU A 184 4.44 11.32 -8.39
N ASP A 185 4.32 10.16 -7.77
CA ASP A 185 5.23 9.67 -6.70
C ASP A 185 5.55 8.20 -6.99
N THR A 186 6.82 7.87 -7.23
CA THR A 186 7.23 6.52 -7.67
C THR A 186 6.74 5.48 -6.65
N TYR A 187 6.74 5.82 -5.35
CA TYR A 187 6.33 4.90 -4.26
C TYR A 187 4.88 4.45 -4.51
N HIS A 188 3.99 5.42 -4.80
CA HIS A 188 2.54 5.17 -5.03
C HIS A 188 2.34 4.53 -6.41
N MET A 189 3.13 4.96 -7.39
CA MET A 189 3.10 4.41 -8.78
C MET A 189 3.43 2.92 -8.72
N ASN A 190 4.40 2.56 -7.87
CA ASN A 190 4.94 1.18 -7.76
C ASN A 190 3.77 0.23 -7.48
N ILE A 191 2.77 0.71 -6.72
CA ILE A 191 1.59 -0.08 -6.31
C ILE A 191 0.52 -0.07 -7.41
N GLU A 192 0.13 1.12 -7.89
CA GLU A 192 -1.15 1.32 -8.64
C GLU A 192 -0.97 1.30 -10.17
N GLU A 193 0.21 1.64 -10.72
CA GLU A 193 0.37 1.95 -12.17
C GLU A 193 0.66 0.70 -13.00
N ASN A 194 0.20 0.72 -14.27
CA ASN A 194 0.50 -0.28 -15.31
C ASN A 194 1.87 0.07 -15.91
N GLY A 195 2.95 -0.26 -15.19
CA GLY A 195 4.33 0.16 -15.52
C GLY A 195 4.52 1.63 -15.21
N MET A 196 5.76 2.11 -15.21
CA MET A 196 6.15 3.43 -14.65
C MET A 196 6.11 4.53 -15.72
N ALA A 197 5.63 4.26 -16.93
CA ALA A 197 5.75 5.16 -18.11
C ALA A 197 4.39 5.73 -18.52
N LYS A 198 3.32 4.93 -18.44
CA LYS A 198 2.01 5.21 -19.09
C LYS A 198 1.44 6.55 -18.61
N SER A 199 1.42 6.80 -17.31
CA SER A 199 0.85 8.03 -16.69
C SER A 199 1.72 9.26 -17.03
N VAL A 200 3.05 9.10 -17.05
CA VAL A 200 3.98 10.22 -17.37
C VAL A 200 3.78 10.63 -18.83
N LEU A 201 3.73 9.66 -19.75
CA LEU A 201 3.55 9.93 -21.20
C LEU A 201 2.20 10.64 -21.42
N ALA A 202 1.14 10.21 -20.74
CA ALA A 202 -0.23 10.73 -20.86
C ALA A 202 -0.29 12.16 -20.32
N ALA A 203 0.38 12.41 -19.20
CA ALA A 203 0.45 13.74 -18.53
C ALA A 203 1.08 14.78 -19.45
N GLY A 204 2.28 14.50 -19.99
CA GLY A 204 3.11 15.52 -20.67
C GLY A 204 3.26 16.76 -19.81
N ASP A 205 2.84 17.93 -20.33
CA ASP A 205 3.01 19.25 -19.67
C ASP A 205 2.14 19.34 -18.41
N ARG A 206 1.17 18.43 -18.25
CA ARG A 206 0.23 18.36 -17.09
C ARG A 206 0.95 17.85 -15.83
N LEU A 207 2.07 17.13 -16.00
CA LEU A 207 2.91 16.69 -14.84
C LEU A 207 3.69 17.90 -14.33
N GLY A 208 3.38 18.35 -13.11
CA GLY A 208 3.90 19.61 -12.55
C GLY A 208 4.82 19.40 -11.35
N TYR A 209 4.91 18.18 -10.83
CA TYR A 209 5.68 17.86 -9.60
C TYR A 209 5.94 16.35 -9.54
N VAL A 210 7.10 15.96 -9.02
CA VAL A 210 7.52 14.53 -8.93
C VAL A 210 8.06 14.24 -7.53
N HIS A 211 7.63 13.12 -6.95
CA HIS A 211 8.23 12.52 -5.73
C HIS A 211 8.97 11.24 -6.13
N ILE A 212 10.27 11.18 -5.81
CA ILE A 212 11.10 9.95 -5.92
C ILE A 212 11.09 9.25 -4.56
N GLY A 213 10.43 8.10 -4.49
CA GLY A 213 10.41 7.22 -3.30
C GLY A 213 10.57 5.75 -3.68
N GLU A 214 11.42 5.02 -2.95
CA GLU A 214 11.65 3.56 -3.14
C GLU A 214 10.41 2.81 -2.67
N SER A 215 10.22 1.58 -3.17
CA SER A 215 9.02 0.75 -2.94
C SER A 215 8.66 0.72 -1.45
N HIS A 216 9.66 0.66 -0.57
CA HIS A 216 9.52 0.56 0.90
C HIS A 216 9.79 1.93 1.55
N ARG A 217 10.13 2.93 0.73
CA ARG A 217 10.36 4.35 1.12
C ARG A 217 11.68 4.49 1.88
N GLY A 218 12.62 3.57 1.69
CA GLY A 218 13.97 3.63 2.28
C GLY A 218 14.98 4.11 1.26
N TYR A 219 16.20 3.59 1.31
CA TYR A 219 17.31 3.91 0.38
C TYR A 219 16.85 3.66 -1.06
N LEU A 220 17.06 4.65 -1.92
CA LEU A 220 16.91 4.50 -3.40
C LEU A 220 17.84 3.37 -3.85
N GLY A 221 17.28 2.37 -4.53
CA GLY A 221 18.03 1.29 -5.21
C GLY A 221 18.03 0.00 -4.41
N THR A 222 17.35 -0.01 -3.25
CA THR A 222 17.27 -1.15 -2.32
C THR A 222 15.85 -1.74 -2.32
N GLY A 223 14.98 -1.27 -3.22
CA GLY A 223 13.57 -1.70 -3.32
C GLY A 223 13.25 -2.27 -4.68
N ASN A 224 12.00 -2.17 -5.11
CA ASN A 224 11.48 -2.83 -6.34
C ASN A 224 11.14 -1.80 -7.42
N VAL A 225 11.17 -0.50 -7.11
CA VAL A 225 10.73 0.57 -8.06
C VAL A 225 11.62 0.49 -9.31
N ASP A 226 10.99 0.44 -10.48
CA ASP A 226 11.67 0.51 -11.80
C ASP A 226 12.01 1.98 -12.08
N PHE A 227 13.11 2.47 -11.52
CA PHE A 227 13.57 3.87 -11.69
C PHE A 227 14.08 4.07 -13.13
N ALA A 228 14.65 3.03 -13.75
CA ALA A 228 15.14 3.10 -15.15
C ALA A 228 13.96 3.44 -16.07
N SER A 229 12.84 2.74 -15.88
CA SER A 229 11.55 2.98 -16.58
C SER A 229 11.08 4.41 -16.31
N PHE A 230 10.91 4.76 -15.03
CA PHE A 230 10.30 6.05 -14.60
C PHE A 230 11.10 7.22 -15.19
N PHE A 231 12.43 7.19 -15.10
CA PHE A 231 13.32 8.30 -15.52
C PHE A 231 13.34 8.38 -17.06
N ALA A 232 13.23 7.23 -17.73
CA ALA A 232 13.06 7.12 -19.19
C ALA A 232 11.82 7.92 -19.62
N ALA A 233 10.71 7.74 -18.88
CA ALA A 233 9.41 8.37 -19.16
C ALA A 233 9.50 9.89 -19.01
N LEU A 234 10.11 10.36 -17.91
CA LEU A 234 10.32 11.82 -17.65
C LEU A 234 11.10 12.42 -18.81
N LYS A 235 12.14 11.73 -19.28
CA LYS A 235 12.98 12.19 -20.40
C LYS A 235 12.12 12.31 -21.67
N GLN A 236 11.26 11.32 -21.93
CA GLN A 236 10.37 11.24 -23.12
C GLN A 236 9.47 12.47 -23.19
N ILE A 237 9.01 13.02 -22.05
CA ILE A 237 8.18 14.26 -22.02
C ILE A 237 9.06 15.47 -21.65
N ASP A 238 10.38 15.29 -21.57
CA ASP A 238 11.39 16.32 -21.17
C ASP A 238 10.88 17.07 -19.92
N TYR A 239 10.56 16.33 -18.86
CA TYR A 239 10.03 16.89 -17.60
C TYR A 239 11.03 17.90 -17.03
N ARG A 240 10.56 19.11 -16.78
CA ARG A 240 11.34 20.16 -16.11
C ARG A 240 10.48 20.79 -15.01
N GLY A 241 10.55 20.22 -13.80
CA GLY A 241 9.84 20.70 -12.61
C GLY A 241 10.48 20.14 -11.35
N PRO A 242 9.93 20.45 -10.17
CA PRO A 242 10.45 19.93 -8.91
C PRO A 242 10.50 18.39 -8.88
N ILE A 243 11.64 17.85 -8.44
CA ILE A 243 11.81 16.41 -8.09
C ILE A 243 12.31 16.36 -6.64
N THR A 244 11.45 15.97 -5.69
CA THR A 244 11.86 15.86 -4.26
C THR A 244 11.99 14.38 -3.89
N PHE A 245 13.10 14.06 -3.23
CA PHE A 245 13.35 12.77 -2.54
C PHE A 245 12.50 12.74 -1.26
N GLU A 246 11.74 11.66 -1.11
CA GLU A 246 10.79 11.45 0.02
C GLU A 246 11.16 10.11 0.65
N SER A 247 11.29 10.08 1.98
CA SER A 247 11.69 8.88 2.73
C SER A 247 11.20 8.98 4.17
N PHE A 248 10.84 7.83 4.76
CA PHE A 248 10.24 7.71 6.11
C PHE A 248 10.84 6.50 6.82
N SER A 249 11.44 6.76 7.97
CA SER A 249 11.98 5.75 8.91
C SER A 249 11.49 6.10 10.31
N SER A 250 11.28 5.10 11.17
CA SER A 250 10.90 5.27 12.59
C SER A 250 11.98 6.11 13.30
N GLU A 251 13.12 6.33 12.63
CA GLU A 251 14.27 7.12 13.14
C GLU A 251 13.83 8.57 13.39
N ILE A 252 13.15 9.17 12.43
CA ILE A 252 12.58 10.55 12.51
C ILE A 252 11.06 10.44 12.28
N VAL A 253 10.26 10.69 13.31
CA VAL A 253 8.78 10.48 13.26
C VAL A 253 8.07 11.79 13.60
N ASP A 254 7.14 12.18 12.73
CA ASP A 254 6.12 13.21 13.03
C ASP A 254 4.90 12.49 13.61
N PRO A 255 4.56 12.72 14.90
CA PRO A 255 3.49 11.99 15.58
C PRO A 255 2.28 11.62 14.71
N LYS A 256 1.79 12.57 13.91
CA LYS A 256 0.61 12.38 13.02
C LYS A 256 1.03 11.71 11.71
N LEU A 257 1.81 12.39 10.87
CA LEU A 257 2.09 11.96 9.46
C LEU A 257 2.64 10.53 9.44
N SER A 258 3.60 10.20 10.34
CA SER A 258 4.35 8.92 10.36
C SER A 258 3.42 7.73 10.67
N ASN A 259 2.44 7.92 11.56
CA ASN A 259 1.44 6.87 11.92
C ASN A 259 0.39 6.77 10.81
N THR A 260 -0.03 7.91 10.27
CA THR A 260 -0.92 8.01 9.08
C THR A 260 -0.29 7.20 7.94
N LEU A 261 1.03 7.27 7.76
CA LEU A 261 1.76 6.63 6.62
C LEU A 261 2.23 5.22 7.03
N CYS A 262 1.85 4.77 8.21
CA CYS A 262 2.18 3.42 8.76
C CYS A 262 3.69 3.14 8.61
N VAL A 263 4.54 4.03 9.12
CA VAL A 263 6.03 3.86 9.09
C VAL A 263 6.46 3.09 10.35
N TRP A 264 6.36 1.76 10.29
CA TRP A 264 6.54 0.87 11.47
C TRP A 264 8.02 0.50 11.63
N ARG A 265 8.80 0.48 10.54
CA ARG A 265 10.22 0.02 10.61
C ARG A 265 11.19 1.16 10.31
N ASN A 266 12.45 0.94 10.71
CA ASN A 266 13.61 1.85 10.58
C ASN A 266 14.42 1.41 9.36
N LEU A 267 14.26 2.12 8.24
CA LEU A 267 14.90 1.79 6.93
C LEU A 267 16.22 2.54 6.83
N TRP A 268 16.51 3.43 7.79
CA TRP A 268 17.73 4.26 7.84
C TRP A 268 17.81 5.01 9.18
N HIS A 269 18.99 5.56 9.50
CA HIS A 269 19.28 6.32 10.75
C HIS A 269 20.03 7.62 10.40
N ASP A 270 20.84 7.57 9.34
CA ASP A 270 21.76 8.68 8.92
C ASP A 270 21.05 9.49 7.82
N SER A 271 20.29 10.51 8.22
CA SER A 271 19.58 11.46 7.32
C SER A 271 20.53 11.92 6.20
N ASP A 272 21.74 12.33 6.55
CA ASP A 272 22.73 12.94 5.61
C ASP A 272 23.16 11.88 4.59
N ASP A 273 23.51 10.67 5.05
CA ASP A 273 23.88 9.54 4.16
C ASP A 273 22.70 9.29 3.21
N LEU A 274 21.50 9.11 3.76
CA LEU A 274 20.29 8.78 2.97
C LEU A 274 20.09 9.86 1.90
N ALA A 275 20.07 11.12 2.33
CA ALA A 275 19.75 12.30 1.48
C ALA A 275 20.85 12.50 0.42
N GLY A 276 22.12 12.44 0.84
CA GLY A 276 23.29 12.54 -0.05
C GLY A 276 23.25 11.47 -1.12
N LYS A 277 23.05 10.21 -0.72
CA LYS A 277 23.01 9.06 -1.66
C LYS A 277 21.78 9.20 -2.58
N ALA A 278 20.64 9.61 -2.04
CA ALA A 278 19.40 9.82 -2.82
C ALA A 278 19.67 10.81 -3.97
N LEU A 279 20.25 11.96 -3.69
CA LEU A 279 20.45 13.03 -4.71
C LEU A 279 21.41 12.52 -5.81
N GLU A 280 22.49 11.84 -5.41
CA GLU A 280 23.44 11.14 -6.30
C GLU A 280 22.68 10.21 -7.26
N PHE A 281 21.86 9.34 -6.68
CA PHE A 281 21.08 8.30 -7.40
C PHE A 281 20.26 8.99 -8.49
N ILE A 282 19.50 10.02 -8.09
CA ILE A 282 18.60 10.82 -8.96
C ILE A 282 19.40 11.48 -10.08
N LYS A 283 20.43 12.27 -9.75
CA LYS A 283 21.18 13.08 -10.75
C LYS A 283 21.93 12.15 -11.71
N GLN A 284 22.20 10.91 -11.29
CA GLN A 284 22.88 9.92 -12.15
C GLN A 284 21.94 9.49 -13.29
N ARG A 285 20.62 9.52 -13.05
CA ARG A 285 19.59 8.91 -13.94
C ARG A 285 18.73 9.99 -14.60
N TYR A 286 18.81 11.24 -14.16
CA TYR A 286 18.03 12.39 -14.72
C TYR A 286 18.81 13.70 -14.48
N GLY A 287 18.97 14.51 -15.54
CA GLY A 287 19.62 15.84 -15.46
C GLY A 287 20.19 16.28 -16.80
N ALA B 2 4.52 -31.36 10.02
CA ALA B 2 3.83 -30.73 8.87
C ALA B 2 2.86 -31.73 8.22
N PHE B 3 1.67 -31.26 7.82
CA PHE B 3 0.68 -32.07 7.06
C PHE B 3 0.98 -31.91 5.58
N PRO B 4 0.64 -32.92 4.76
CA PRO B 4 1.15 -33.01 3.39
C PRO B 4 0.86 -31.75 2.57
N LYS B 5 1.90 -31.20 1.93
CA LYS B 5 1.78 -30.14 0.92
C LYS B 5 2.13 -30.72 -0.44
N ARG B 6 1.52 -30.21 -1.51
CA ARG B 6 1.84 -30.53 -2.91
C ARG B 6 1.78 -29.25 -3.73
N LEU B 7 2.52 -29.20 -4.85
CA LEU B 7 2.43 -28.10 -5.85
C LEU B 7 1.05 -28.16 -6.50
N GLU B 8 0.16 -27.26 -6.09
CA GLU B 8 -1.23 -27.17 -6.63
C GLU B 8 -1.57 -25.69 -6.82
N TYR B 9 -2.43 -25.41 -7.81
CA TYR B 9 -2.83 -24.05 -8.25
C TYR B 9 -4.27 -23.80 -7.80
N GLY B 10 -4.51 -22.63 -7.22
CA GLY B 10 -5.82 -22.22 -6.70
C GLY B 10 -6.14 -20.80 -7.10
N GLY B 11 -7.42 -20.43 -7.02
CA GLY B 11 -7.87 -19.04 -7.16
C GLY B 11 -8.57 -18.59 -5.90
N HIS B 12 -8.34 -17.33 -5.51
CA HIS B 12 -9.05 -16.66 -4.40
C HIS B 12 -10.51 -16.44 -4.79
N ALA B 13 -11.44 -16.63 -3.85
CA ALA B 13 -12.91 -16.60 -4.08
C ALA B 13 -13.33 -15.25 -4.69
N LEU B 14 -12.68 -14.16 -4.29
CA LEU B 14 -13.11 -12.78 -4.67
C LEU B 14 -12.80 -12.53 -6.16
N VAL B 15 -12.15 -13.48 -6.83
CA VAL B 15 -11.95 -13.45 -8.31
C VAL B 15 -13.31 -13.65 -8.99
N TRP B 16 -14.25 -14.32 -8.31
CA TRP B 16 -15.56 -14.75 -8.89
C TRP B 16 -16.74 -14.22 -8.09
N SER B 17 -16.63 -14.16 -6.75
CA SER B 17 -17.78 -14.04 -5.82
C SER B 17 -17.40 -13.20 -4.61
N GLY B 18 -18.29 -12.27 -4.22
CA GLY B 18 -18.11 -11.38 -3.06
C GLY B 18 -18.79 -11.93 -1.81
N ASP B 19 -19.53 -13.02 -1.92
CA ASP B 19 -20.17 -13.66 -0.73
C ASP B 19 -20.08 -15.18 -0.88
N TRP B 20 -20.33 -15.90 0.22
CA TRP B 20 -20.29 -17.39 0.24
C TRP B 20 -21.68 -17.94 0.56
N SER B 21 -22.73 -17.29 0.05
CA SER B 21 -24.10 -17.84 -0.08
C SER B 21 -24.03 -19.09 -0.97
N ALA B 22 -25.08 -19.90 -0.95
CA ALA B 22 -25.23 -21.08 -1.82
C ALA B 22 -24.81 -20.69 -3.24
N ALA B 23 -25.36 -19.58 -3.75
CA ALA B 23 -25.13 -19.05 -5.12
C ALA B 23 -23.68 -18.59 -5.29
N GLY B 24 -23.14 -17.86 -4.31
CA GLY B 24 -21.77 -17.31 -4.35
C GLY B 24 -20.70 -18.39 -4.25
N ALA B 25 -20.92 -19.38 -3.38
CA ALA B 25 -20.04 -20.55 -3.23
C ALA B 25 -19.95 -21.29 -4.57
N ARG B 26 -21.10 -21.62 -5.17
CA ARG B 26 -21.19 -22.36 -6.47
C ARG B 26 -20.46 -21.56 -7.55
N LYS B 27 -20.69 -20.25 -7.59
CA LYS B 27 -20.12 -19.36 -8.63
C LYS B 27 -18.59 -19.38 -8.54
N ALA B 28 -18.04 -19.29 -7.33
CA ALA B 28 -16.58 -19.31 -7.09
C ALA B 28 -16.00 -20.67 -7.45
N ILE B 29 -16.62 -21.75 -6.97
CA ILE B 29 -16.16 -23.15 -7.17
C ILE B 29 -16.24 -23.52 -8.66
N ALA B 30 -17.38 -23.28 -9.33
CA ALA B 30 -17.58 -23.44 -10.79
C ALA B 30 -16.52 -22.63 -11.56
N GLY B 31 -16.30 -21.38 -11.16
CA GLY B 31 -15.30 -20.46 -11.75
C GLY B 31 -13.90 -21.07 -11.70
N ALA B 32 -13.46 -21.51 -10.53
CA ALA B 32 -12.16 -22.17 -10.33
C ALA B 32 -12.08 -23.42 -11.21
N ALA B 33 -13.07 -24.31 -11.13
CA ALA B 33 -13.12 -25.58 -11.89
C ALA B 33 -13.03 -25.28 -13.39
N ARG B 34 -13.79 -24.28 -13.85
CA ARG B 34 -13.89 -23.91 -15.28
C ARG B 34 -12.50 -23.51 -15.80
N ALA B 35 -11.74 -22.73 -15.02
CA ALA B 35 -10.41 -22.18 -15.40
C ALA B 35 -9.37 -23.30 -15.35
N GLY B 36 -9.61 -24.32 -14.52
CA GLY B 36 -8.75 -25.52 -14.42
C GLY B 36 -7.87 -25.48 -13.18
N TYR B 37 -8.24 -24.69 -12.17
CA TYR B 37 -7.57 -24.64 -10.85
C TYR B 37 -7.79 -25.97 -10.13
N ASP B 38 -6.81 -26.36 -9.31
CA ASP B 38 -6.87 -27.59 -8.47
C ASP B 38 -7.72 -27.31 -7.23
N TYR B 39 -7.74 -26.06 -6.76
CA TYR B 39 -8.47 -25.69 -5.53
C TYR B 39 -9.04 -24.27 -5.62
N ILE B 40 -10.06 -24.03 -4.78
CA ILE B 40 -10.63 -22.70 -4.45
C ILE B 40 -10.07 -22.30 -3.08
N GLU B 41 -9.66 -21.04 -2.93
CA GLU B 41 -9.29 -20.47 -1.61
C GLU B 41 -10.49 -19.65 -1.11
N ILE B 42 -11.12 -20.12 -0.03
CA ILE B 42 -12.34 -19.52 0.56
C ILE B 42 -11.90 -18.42 1.55
N ALA B 43 -12.43 -17.21 1.40
CA ALA B 43 -12.29 -16.11 2.39
C ALA B 43 -13.28 -16.31 3.53
N LEU B 44 -12.79 -16.67 4.72
CA LEU B 44 -13.62 -17.08 5.89
C LEU B 44 -13.56 -16.02 6.98
N LEU B 45 -13.82 -14.75 6.66
CA LEU B 45 -13.74 -13.65 7.66
C LEU B 45 -14.85 -13.84 8.73
N ASP B 46 -15.95 -14.52 8.39
CA ASP B 46 -17.01 -14.95 9.35
C ASP B 46 -17.29 -16.44 9.15
N PRO B 47 -16.54 -17.34 9.81
CA PRO B 47 -16.65 -18.77 9.54
C PRO B 47 -18.00 -19.39 9.94
N TRP B 48 -18.84 -18.69 10.70
CA TRP B 48 -20.17 -19.18 11.15
C TRP B 48 -21.21 -19.12 10.03
N GLN B 49 -20.97 -18.36 8.96
CA GLN B 49 -21.98 -18.09 7.92
C GLN B 49 -21.89 -19.16 6.81
N ILE B 50 -20.79 -19.94 6.76
CA ILE B 50 -20.58 -21.00 5.74
C ILE B 50 -21.58 -22.15 5.99
N ASP B 51 -22.41 -22.47 4.99
CA ASP B 51 -23.15 -23.77 4.93
C ASP B 51 -22.15 -24.85 4.51
N VAL B 52 -21.60 -25.59 5.47
CA VAL B 52 -20.42 -26.47 5.25
C VAL B 52 -20.83 -27.67 4.38
N ALA B 53 -22.04 -28.20 4.58
CA ALA B 53 -22.57 -29.36 3.82
C ALA B 53 -22.69 -29.00 2.34
N LEU B 54 -23.33 -27.85 2.06
CA LEU B 54 -23.56 -27.35 0.68
C LEU B 54 -22.21 -27.19 -0.01
N THR B 55 -21.25 -26.55 0.66
CA THR B 55 -19.88 -26.29 0.15
C THR B 55 -19.21 -27.64 -0.13
N LYS B 56 -19.28 -28.57 0.83
CA LYS B 56 -18.72 -29.93 0.67
C LYS B 56 -19.29 -30.57 -0.59
N ASP B 57 -20.61 -30.51 -0.76
CA ASP B 57 -21.33 -31.05 -1.96
C ASP B 57 -20.80 -30.36 -3.22
N LEU B 58 -20.54 -29.05 -3.17
CA LEU B 58 -20.08 -28.25 -4.34
C LEU B 58 -18.67 -28.68 -4.76
N LEU B 59 -17.79 -28.92 -3.78
CA LEU B 59 -16.39 -29.38 -4.02
C LEU B 59 -16.42 -30.77 -4.66
N GLN B 60 -17.21 -31.68 -4.10
CA GLN B 60 -17.47 -33.03 -4.68
C GLN B 60 -17.98 -32.85 -6.12
N GLU B 61 -19.03 -32.03 -6.28
CA GLU B 61 -19.74 -31.84 -7.58
C GLU B 61 -18.72 -31.41 -8.64
N TYR B 62 -17.82 -30.47 -8.32
CA TYR B 62 -16.92 -29.82 -9.30
C TYR B 62 -15.52 -30.43 -9.20
N ASN B 63 -15.36 -31.46 -8.37
CA ASN B 63 -14.10 -32.23 -8.22
C ASN B 63 -12.96 -31.26 -7.88
N LEU B 64 -13.17 -30.41 -6.88
CA LEU B 64 -12.24 -29.33 -6.51
C LEU B 64 -11.88 -29.47 -5.02
N ARG B 65 -10.64 -29.16 -4.66
CA ARG B 65 -10.21 -29.08 -3.24
C ARG B 65 -10.40 -27.65 -2.75
N ALA B 66 -10.45 -27.44 -1.43
CA ALA B 66 -10.61 -26.12 -0.81
C ALA B 66 -9.52 -25.91 0.24
N HIS B 67 -8.88 -24.74 0.21
CA HIS B 67 -8.10 -24.16 1.33
C HIS B 67 -8.82 -22.89 1.78
N ALA B 68 -8.46 -22.35 2.94
CA ALA B 68 -9.14 -21.21 3.59
C ALA B 68 -8.12 -20.14 3.99
N SER B 69 -8.44 -18.89 3.70
CA SER B 69 -7.70 -17.69 4.19
C SER B 69 -8.67 -16.78 4.96
N LEU B 70 -8.16 -16.04 5.92
CA LEU B 70 -8.97 -15.03 6.67
C LEU B 70 -8.06 -13.96 7.26
N GLY B 71 -8.61 -12.76 7.41
CA GLY B 71 -8.08 -11.70 8.28
C GLY B 71 -8.96 -11.56 9.51
N LEU B 72 -8.35 -11.38 10.68
CA LEU B 72 -9.08 -11.03 11.91
C LEU B 72 -9.53 -9.57 11.80
N SER B 73 -10.42 -9.15 12.70
CA SER B 73 -10.90 -7.75 12.83
C SER B 73 -10.56 -7.27 14.24
N ALA B 74 -10.81 -5.99 14.53
CA ALA B 74 -10.55 -5.37 15.84
C ALA B 74 -11.18 -6.24 16.94
N ALA B 75 -12.36 -6.78 16.68
CA ALA B 75 -13.16 -7.55 17.66
C ALA B 75 -12.49 -8.89 17.97
N THR B 76 -11.54 -9.33 17.13
CA THR B 76 -10.95 -10.70 17.22
C THR B 76 -9.41 -10.64 17.13
N ASP B 77 -8.83 -9.48 17.44
CA ASP B 77 -7.38 -9.19 17.25
C ASP B 77 -6.58 -9.88 18.34
N VAL B 78 -5.79 -10.89 17.97
CA VAL B 78 -4.99 -11.75 18.90
C VAL B 78 -3.71 -11.04 19.32
N THR B 79 -3.43 -9.84 18.78
CA THR B 79 -2.32 -8.97 19.27
C THR B 79 -2.83 -8.04 20.37
N SER B 80 -4.14 -7.91 20.53
CA SER B 80 -4.78 -7.00 21.52
C SER B 80 -4.19 -7.26 22.90
N THR B 81 -4.04 -6.20 23.70
CA THR B 81 -3.65 -6.29 25.13
C THR B 81 -4.91 -6.54 25.97
N ASP B 82 -6.07 -6.66 25.31
CA ASP B 82 -7.38 -6.97 25.95
C ASP B 82 -7.61 -8.47 25.87
N PRO B 83 -7.55 -9.19 27.02
CA PRO B 83 -7.61 -10.65 27.00
C PRO B 83 -8.93 -11.18 26.42
N ALA B 84 -10.03 -10.44 26.59
CA ALA B 84 -11.36 -10.83 26.07
C ALA B 84 -11.33 -10.79 24.53
N ILE B 85 -10.68 -9.80 23.92
CA ILE B 85 -10.56 -9.67 22.44
C ILE B 85 -9.69 -10.82 21.89
N VAL B 86 -8.62 -11.18 22.60
CA VAL B 86 -7.70 -12.29 22.18
C VAL B 86 -8.51 -13.60 22.21
N ALA B 87 -9.37 -13.80 23.21
CA ALA B 87 -10.20 -15.02 23.39
C ALA B 87 -11.19 -15.15 22.22
N LYS B 88 -11.77 -14.03 21.80
CA LYS B 88 -12.64 -13.91 20.59
C LYS B 88 -11.85 -14.35 19.35
N GLY B 89 -10.62 -13.86 19.21
CA GLY B 89 -9.69 -14.31 18.14
C GLY B 89 -9.51 -15.81 18.18
N ASP B 90 -9.13 -16.36 19.33
CA ASP B 90 -8.91 -17.82 19.49
C ASP B 90 -10.15 -18.55 18.98
N GLU B 91 -11.32 -18.11 19.43
CA GLU B 91 -12.65 -18.72 19.13
C GLU B 91 -12.91 -18.72 17.61
N LEU B 92 -12.70 -17.59 16.92
CA LEU B 92 -12.93 -17.47 15.45
C LEU B 92 -12.00 -18.42 14.69
N LEU B 93 -10.72 -18.48 15.08
CA LEU B 93 -9.66 -19.24 14.36
C LEU B 93 -9.92 -20.75 14.51
N ARG B 94 -10.52 -21.17 15.61
CA ARG B 94 -10.93 -22.58 15.86
C ARG B 94 -12.20 -22.91 15.07
N LYS B 95 -13.09 -21.93 14.90
CA LYS B 95 -14.29 -22.10 14.05
C LYS B 95 -13.81 -22.24 12.59
N ALA B 96 -12.90 -21.37 12.15
CA ALA B 96 -12.27 -21.44 10.81
C ALA B 96 -11.67 -22.82 10.59
N THR B 97 -10.90 -23.31 11.57
CA THR B 97 -10.22 -24.63 11.55
C THR B 97 -11.26 -25.75 11.41
N ASP B 98 -12.27 -25.75 12.28
CA ASP B 98 -13.42 -26.70 12.25
C ASP B 98 -14.03 -26.72 10.85
N VAL B 99 -14.30 -25.56 10.27
CA VAL B 99 -14.95 -25.43 8.93
C VAL B 99 -14.03 -26.11 7.90
N LEU B 100 -12.76 -25.70 7.88
CA LEU B 100 -11.72 -26.22 6.95
C LEU B 100 -11.66 -27.75 7.10
N TYR B 101 -11.65 -28.23 8.35
CA TYR B 101 -11.55 -29.67 8.65
C TYR B 101 -12.74 -30.41 8.01
N ALA B 102 -13.96 -29.87 8.17
CA ALA B 102 -15.21 -30.47 7.66
C ALA B 102 -15.19 -30.50 6.13
N LEU B 103 -14.47 -29.57 5.50
CA LEU B 103 -14.34 -29.49 4.00
C LEU B 103 -13.23 -30.43 3.52
N GLY B 104 -12.58 -31.13 4.46
CA GLY B 104 -11.41 -31.99 4.22
C GLY B 104 -10.17 -31.18 3.86
N GLY B 105 -10.08 -29.94 4.35
CA GLY B 105 -9.00 -28.99 4.01
C GLY B 105 -7.74 -29.22 4.84
N SER B 106 -6.61 -28.65 4.41
CA SER B 106 -5.27 -28.89 5.02
C SER B 106 -4.49 -27.58 5.26
N GLU B 107 -4.97 -26.43 4.76
CA GLU B 107 -4.24 -25.13 4.87
C GLU B 107 -5.19 -24.02 5.34
N LEU B 108 -4.96 -23.49 6.54
CA LEU B 108 -5.53 -22.19 7.01
C LEU B 108 -4.43 -21.13 6.87
N CYS B 109 -4.57 -20.21 5.92
CA CYS B 109 -3.55 -19.19 5.61
C CYS B 109 -4.14 -17.78 5.74
N GLY B 110 -3.31 -16.77 5.52
CA GLY B 110 -3.72 -15.35 5.49
C GLY B 110 -3.25 -14.59 6.72
N VAL B 111 -3.89 -13.45 6.98
CA VAL B 111 -3.56 -12.58 8.14
C VAL B 111 -4.33 -13.10 9.36
N ILE B 112 -3.94 -14.29 9.85
CA ILE B 112 -4.63 -15.01 10.95
C ILE B 112 -4.07 -14.56 12.30
N TYR B 113 -3.07 -13.66 12.31
CA TYR B 113 -2.22 -13.33 13.47
C TYR B 113 -2.43 -11.89 13.97
N CYS B 114 -3.33 -11.14 13.34
CA CYS B 114 -3.67 -9.76 13.75
C CYS B 114 -4.96 -9.31 13.09
N ALA B 115 -5.47 -8.14 13.47
CA ALA B 115 -6.58 -7.46 12.77
C ALA B 115 -6.05 -6.98 11.41
N LEU B 116 -6.65 -7.44 10.33
CA LEU B 116 -6.25 -7.07 8.94
C LEU B 116 -6.67 -5.60 8.72
N GLY B 117 -5.69 -4.71 8.52
CA GLY B 117 -5.98 -3.30 8.23
C GLY B 117 -4.95 -2.37 8.85
N LYS B 118 -5.27 -1.07 8.84
CA LYS B 118 -4.34 0.02 9.22
C LYS B 118 -4.37 0.18 10.74
N TYR B 119 -3.22 -0.04 11.37
CA TYR B 119 -3.00 0.16 12.82
C TYR B 119 -2.64 1.61 13.09
N PRO B 120 -3.15 2.21 14.19
CA PRO B 120 -2.89 3.62 14.49
C PRO B 120 -1.44 3.90 14.91
N GLY B 121 -0.67 2.83 15.16
CA GLY B 121 0.71 2.95 15.67
C GLY B 121 1.48 1.63 15.60
N PRO B 122 2.79 1.66 15.91
CA PRO B 122 3.63 0.45 15.81
C PRO B 122 3.24 -0.56 16.89
N ALA B 123 3.50 -1.84 16.62
CA ALA B 123 3.22 -2.97 17.54
C ALA B 123 4.27 -3.00 18.65
N SER B 124 3.82 -3.09 19.91
CA SER B 124 4.68 -3.31 21.10
C SER B 124 5.19 -4.74 21.06
N ARG B 125 6.10 -5.12 21.97
CA ARG B 125 6.55 -6.53 22.13
C ARG B 125 5.39 -7.37 22.68
N GLU B 126 4.51 -6.76 23.48
CA GLU B 126 3.35 -7.45 24.08
C GLU B 126 2.38 -7.83 22.95
N ASN B 127 2.11 -6.89 22.03
CA ASN B 127 1.26 -7.14 20.83
C ASN B 127 1.80 -8.39 20.11
N ARG B 128 3.12 -8.43 19.82
CA ARG B 128 3.77 -9.55 19.07
C ARG B 128 3.76 -10.82 19.93
N ALA B 129 4.09 -10.71 21.22
CA ALA B 129 4.07 -11.84 22.19
C ALA B 129 2.67 -12.45 22.24
N ASN B 130 1.63 -11.61 22.35
CA ASN B 130 0.21 -12.06 22.37
C ASN B 130 -0.09 -12.82 21.07
N SER B 131 0.44 -12.34 19.95
CA SER B 131 0.24 -12.92 18.59
C SER B 131 0.88 -14.31 18.54
N VAL B 132 2.18 -14.40 18.81
CA VAL B 132 2.96 -15.66 18.82
C VAL B 132 2.21 -16.72 19.63
N ALA B 133 1.76 -16.38 20.86
CA ALA B 133 1.05 -17.30 21.78
C ALA B 133 -0.27 -17.75 21.16
N ALA B 134 -1.01 -16.84 20.53
CA ALA B 134 -2.27 -17.15 19.82
C ALA B 134 -2.00 -18.13 18.67
N MET B 135 -0.93 -17.91 17.90
CA MET B 135 -0.60 -18.77 16.73
C MET B 135 -0.14 -20.14 17.24
N GLN B 136 0.48 -20.20 18.43
CA GLN B 136 0.89 -21.47 19.06
C GLN B 136 -0.37 -22.26 19.44
N ARG B 137 -1.37 -21.60 20.05
CA ARG B 137 -2.65 -22.24 20.43
C ARG B 137 -3.40 -22.69 19.18
N LEU B 138 -3.44 -21.85 18.14
CA LEU B 138 -4.11 -22.20 16.86
C LEU B 138 -3.40 -23.43 16.25
N ALA B 139 -2.08 -23.38 16.14
CA ALA B 139 -1.25 -24.45 15.53
C ALA B 139 -1.55 -25.79 16.22
N ASP B 140 -1.60 -25.81 17.56
CA ASP B 140 -1.82 -27.04 18.36
C ASP B 140 -3.25 -27.56 18.08
N TYR B 141 -4.25 -26.67 17.99
CA TYR B 141 -5.65 -27.02 17.65
C TYR B 141 -5.72 -27.57 16.23
N ALA B 142 -5.06 -26.90 15.28
CA ALA B 142 -5.05 -27.25 13.84
C ALA B 142 -4.38 -28.61 13.62
N ALA B 143 -3.33 -28.90 14.39
CA ALA B 143 -2.56 -30.15 14.30
C ALA B 143 -3.47 -31.35 14.57
N ASP B 144 -4.42 -31.20 15.51
CA ASP B 144 -5.36 -32.28 15.89
C ASP B 144 -6.32 -32.58 14.73
N LYS B 145 -6.42 -31.65 13.77
CA LYS B 145 -7.36 -31.77 12.62
C LYS B 145 -6.58 -31.82 11.31
N GLY B 146 -5.29 -32.19 11.38
CA GLY B 146 -4.41 -32.37 10.21
C GLY B 146 -4.39 -31.11 9.36
N ILE B 147 -4.36 -29.93 9.98
CA ILE B 147 -4.36 -28.62 9.27
C ILE B 147 -3.07 -27.86 9.59
N ASN B 148 -2.35 -27.44 8.55
CA ASN B 148 -1.19 -26.50 8.63
C ASN B 148 -1.75 -25.08 8.70
N ILE B 149 -1.08 -24.17 9.43
CA ILE B 149 -1.35 -22.69 9.38
C ILE B 149 -0.16 -22.01 8.70
N ASP B 150 -0.44 -21.12 7.75
CA ASP B 150 0.56 -20.34 6.98
C ASP B 150 0.35 -18.84 7.29
N LEU B 151 1.37 -18.19 7.85
CA LEU B 151 1.33 -16.79 8.35
C LEU B 151 1.62 -15.84 7.18
N GLU B 152 0.62 -15.13 6.65
CA GLU B 152 0.80 -14.30 5.42
C GLU B 152 1.37 -12.93 5.80
N VAL B 153 2.60 -12.66 5.34
CA VAL B 153 3.26 -11.33 5.49
C VAL B 153 2.55 -10.36 4.55
N VAL B 154 2.08 -9.23 5.08
CA VAL B 154 1.34 -8.18 4.31
C VAL B 154 1.97 -6.81 4.57
N ASN B 155 1.69 -5.85 3.67
CA ASN B 155 2.31 -4.52 3.66
C ASN B 155 1.90 -3.73 4.91
N ARG B 156 2.57 -2.61 5.16
CA ARG B 156 2.46 -1.74 6.35
C ARG B 156 0.99 -1.33 6.61
N TYR B 157 0.19 -1.16 5.57
CA TYR B 157 -1.20 -0.64 5.65
C TYR B 157 -2.15 -1.73 6.18
N GLU B 158 -1.71 -3.00 6.21
CA GLU B 158 -2.57 -4.17 6.52
C GLU B 158 -2.15 -4.82 7.84
N THR B 159 -0.89 -4.66 8.24
CA THR B 159 -0.38 -5.15 9.55
C THR B 159 0.80 -4.30 10.03
N ASN B 160 0.97 -4.25 11.36
CA ASN B 160 2.13 -3.63 12.04
C ASN B 160 3.02 -4.72 12.66
N ILE B 161 2.68 -6.00 12.47
CA ILE B 161 3.41 -7.17 13.06
C ILE B 161 4.61 -7.56 12.18
N MET B 162 4.38 -7.84 10.89
CA MET B 162 5.46 -8.34 9.99
C MET B 162 5.16 -7.88 8.56
N ASN B 163 6.13 -7.25 7.90
CA ASN B 163 5.92 -6.61 6.57
C ASN B 163 6.88 -7.21 5.54
N THR B 164 7.91 -7.95 5.97
CA THR B 164 8.85 -8.67 5.06
C THR B 164 8.92 -10.15 5.45
N GLY B 165 9.33 -11.01 4.51
CA GLY B 165 9.50 -12.45 4.73
C GLY B 165 10.46 -12.73 5.86
N LEU B 166 11.56 -11.97 5.93
CA LEU B 166 12.59 -12.09 6.99
C LEU B 166 11.91 -11.93 8.36
N GLU B 167 11.13 -10.85 8.53
CA GLU B 167 10.37 -10.55 9.78
C GLU B 167 9.38 -11.69 10.06
N GLY B 168 8.72 -12.21 9.00
CA GLY B 168 7.74 -13.30 9.09
C GLY B 168 8.38 -14.59 9.60
N LEU B 169 9.60 -14.88 9.10
CA LEU B 169 10.39 -16.08 9.48
C LEU B 169 10.79 -16.02 10.96
N ALA B 170 11.16 -14.83 11.46
CA ALA B 170 11.56 -14.62 12.87
C ALA B 170 10.33 -14.85 13.77
N PHE B 171 9.21 -14.23 13.41
CA PHE B 171 7.91 -14.43 14.10
C PHE B 171 7.61 -15.93 14.14
N LEU B 172 7.74 -16.57 12.98
CA LEU B 172 7.45 -18.01 12.75
C LEU B 172 8.31 -18.91 13.66
N ASP B 173 9.61 -18.58 13.81
CA ASP B 173 10.55 -19.36 14.65
C ASP B 173 10.09 -19.24 16.11
N GLU B 174 9.65 -18.06 16.54
CA GLU B 174 9.17 -17.82 17.93
C GLU B 174 7.96 -18.72 18.19
N VAL B 175 7.06 -18.83 17.21
CA VAL B 175 5.83 -19.68 17.29
C VAL B 175 6.27 -21.12 17.50
N ASN B 176 7.33 -21.53 16.80
CA ASN B 176 8.02 -22.83 17.03
C ASN B 176 6.99 -23.96 17.05
N ARG B 177 6.37 -24.24 15.91
CA ARG B 177 5.40 -25.35 15.75
C ARG B 177 5.65 -26.01 14.40
N PRO B 178 5.57 -27.34 14.32
CA PRO B 178 5.96 -28.06 13.10
C PRO B 178 4.98 -27.86 11.94
N ASN B 179 3.73 -27.45 12.23
CA ASN B 179 2.67 -27.28 11.20
C ASN B 179 2.42 -25.79 10.94
N ALA B 180 3.31 -24.92 11.42
CA ALA B 180 3.26 -23.44 11.19
C ALA B 180 4.26 -23.10 10.09
N PHE B 181 3.86 -22.31 9.09
CA PHE B 181 4.69 -21.90 7.94
C PHE B 181 4.53 -20.43 7.62
N LEU B 182 5.47 -19.92 6.83
CA LEU B 182 5.44 -18.55 6.24
C LEU B 182 4.56 -18.60 4.98
N HIS B 183 3.76 -17.56 4.79
CA HIS B 183 2.91 -17.34 3.59
C HIS B 183 3.33 -16.01 2.95
N LEU B 184 3.90 -16.08 1.74
CA LEU B 184 4.37 -14.92 0.95
C LEU B 184 3.33 -14.59 -0.13
N ASP B 185 3.19 -13.30 -0.45
CA ASP B 185 2.22 -12.77 -1.44
C ASP B 185 2.92 -11.70 -2.27
N THR B 186 3.07 -11.91 -3.58
CA THR B 186 3.90 -11.06 -4.47
C THR B 186 3.40 -9.61 -4.41
N TYR B 187 2.10 -9.40 -4.19
CA TYR B 187 1.51 -8.03 -4.12
C TYR B 187 2.16 -7.26 -2.97
N HIS B 188 2.21 -7.91 -1.79
CA HIS B 188 2.74 -7.32 -0.53
C HIS B 188 4.26 -7.21 -0.62
N MET B 189 4.90 -8.22 -1.22
CA MET B 189 6.36 -8.28 -1.47
C MET B 189 6.78 -7.09 -2.35
N ASN B 190 5.99 -6.77 -3.37
CA ASN B 190 6.31 -5.72 -4.37
C ASN B 190 6.55 -4.39 -3.64
N ILE B 191 5.87 -4.19 -2.51
CA ILE B 191 5.92 -2.96 -1.67
C ILE B 191 7.16 -3.00 -0.76
N GLU B 192 7.28 -4.06 0.06
CA GLU B 192 8.10 -4.07 1.30
C GLU B 192 9.48 -4.70 1.08
N GLU B 193 9.61 -5.64 0.15
CA GLU B 193 10.80 -6.54 0.04
C GLU B 193 11.94 -5.85 -0.71
N ASN B 194 13.17 -6.18 -0.32
CA ASN B 194 14.44 -5.86 -1.02
CA ASN B 194 14.41 -5.81 -1.07
C ASN B 194 14.61 -6.85 -2.18
N GLY B 195 13.92 -6.65 -3.30
CA GLY B 195 13.85 -7.62 -4.41
C GLY B 195 12.91 -8.77 -4.07
N MET B 196 12.68 -9.68 -5.01
CA MET B 196 11.62 -10.73 -4.91
C MET B 196 12.23 -12.11 -4.63
N ALA B 197 13.52 -12.21 -4.24
CA ALA B 197 14.22 -13.51 -4.07
C ALA B 197 14.63 -13.74 -2.61
N LYS B 198 15.00 -12.68 -1.91
CA LYS B 198 15.72 -12.76 -0.60
C LYS B 198 14.90 -13.55 0.42
N SER B 199 13.62 -13.23 0.61
CA SER B 199 12.75 -13.86 1.64
C SER B 199 12.52 -15.35 1.28
N VAL B 200 12.41 -15.66 -0.02
CA VAL B 200 12.12 -17.02 -0.56
C VAL B 200 13.35 -17.91 -0.33
N LEU B 201 14.55 -17.44 -0.69
CA LEU B 201 15.81 -18.18 -0.45
C LEU B 201 16.00 -18.39 1.06
N ALA B 202 15.67 -17.39 1.88
CA ALA B 202 15.79 -17.44 3.35
C ALA B 202 14.81 -18.47 3.92
N ALA B 203 13.60 -18.55 3.37
CA ALA B 203 12.49 -19.37 3.91
C ALA B 203 12.82 -20.86 3.69
N GLY B 204 13.26 -21.23 2.48
CA GLY B 204 13.37 -22.64 2.06
C GLY B 204 12.12 -23.41 2.47
N ASP B 205 12.29 -24.47 3.25
CA ASP B 205 11.20 -25.40 3.68
C ASP B 205 10.19 -24.71 4.60
N ARG B 206 10.47 -23.48 5.06
CA ARG B 206 9.56 -22.73 5.97
C ARG B 206 8.47 -22.02 5.14
N LEU B 207 8.66 -21.87 3.83
CA LEU B 207 7.61 -21.35 2.92
C LEU B 207 6.58 -22.45 2.72
N GLY B 208 5.33 -22.24 3.16
CA GLY B 208 4.26 -23.25 3.11
C GLY B 208 3.15 -22.89 2.15
N TYR B 209 3.07 -21.64 1.71
CA TYR B 209 1.90 -21.11 0.97
C TYR B 209 2.32 -19.85 0.21
N VAL B 210 1.83 -19.71 -1.03
CA VAL B 210 2.16 -18.57 -1.92
C VAL B 210 0.87 -18.01 -2.51
N HIS B 211 0.79 -16.67 -2.54
CA HIS B 211 -0.20 -15.87 -3.30
C HIS B 211 0.49 -15.16 -4.47
N ILE B 212 -0.07 -15.28 -5.67
CA ILE B 212 0.36 -14.55 -6.88
C ILE B 212 -0.60 -13.37 -7.09
N GLY B 213 -0.14 -12.16 -6.77
CA GLY B 213 -0.87 -10.89 -7.01
C GLY B 213 0.01 -9.92 -7.78
N GLU B 214 -0.55 -9.28 -8.82
CA GLU B 214 0.12 -8.18 -9.58
C GLU B 214 0.23 -6.96 -8.64
N SER B 215 1.10 -6.00 -8.98
CA SER B 215 1.40 -4.80 -8.17
C SER B 215 0.11 -4.09 -7.77
N HIS B 216 -0.88 -4.05 -8.67
CA HIS B 216 -2.20 -3.36 -8.50
C HIS B 216 -3.34 -4.34 -8.24
N ARG B 217 -3.02 -5.64 -8.10
CA ARG B 217 -3.96 -6.75 -7.78
C ARG B 217 -4.90 -7.04 -8.98
N GLY B 218 -4.47 -6.67 -10.19
CA GLY B 218 -5.23 -6.83 -11.44
C GLY B 218 -4.65 -7.95 -12.30
N TYR B 219 -4.78 -7.84 -13.62
CA TYR B 219 -4.26 -8.85 -14.58
C TYR B 219 -2.77 -9.09 -14.30
N LEU B 220 -2.37 -10.36 -14.19
CA LEU B 220 -0.94 -10.75 -14.08
C LEU B 220 -0.21 -10.27 -15.33
N GLY B 221 0.90 -9.55 -15.17
CA GLY B 221 1.78 -9.11 -16.27
C GLY B 221 1.45 -7.72 -16.78
N THR B 222 0.53 -7.00 -16.10
CA THR B 222 0.12 -5.63 -16.46
C THR B 222 0.58 -4.64 -15.40
N GLY B 223 1.40 -5.10 -14.45
CA GLY B 223 1.86 -4.31 -13.29
C GLY B 223 3.38 -4.26 -13.22
N ASN B 224 3.93 -4.10 -12.00
CA ASN B 224 5.37 -3.80 -11.77
C ASN B 224 6.07 -5.01 -11.16
N VAL B 225 5.32 -6.05 -10.75
CA VAL B 225 5.89 -7.22 -10.02
C VAL B 225 6.91 -7.93 -10.93
N ASP B 226 8.13 -8.09 -10.42
CA ASP B 226 9.22 -8.90 -11.04
C ASP B 226 8.91 -10.37 -10.78
N PHE B 227 7.98 -10.94 -11.56
CA PHE B 227 7.56 -12.36 -11.44
C PHE B 227 8.73 -13.29 -11.79
N ALA B 228 9.55 -12.96 -12.80
CA ALA B 228 10.70 -13.77 -13.26
C ALA B 228 11.66 -14.03 -12.09
N SER B 229 12.01 -12.99 -11.32
CA SER B 229 12.82 -13.08 -10.08
C SER B 229 12.15 -14.04 -9.09
N PHE B 230 10.87 -13.81 -8.77
CA PHE B 230 10.14 -14.54 -7.71
C PHE B 230 10.10 -16.03 -8.05
N PHE B 231 9.76 -16.36 -9.31
CA PHE B 231 9.57 -17.77 -9.76
C PHE B 231 10.94 -18.47 -9.83
N ALA B 232 12.00 -17.73 -10.14
CA ALA B 232 13.40 -18.21 -10.09
C ALA B 232 13.75 -18.57 -8.65
N ALA B 233 13.32 -17.76 -7.68
CA ALA B 233 13.56 -17.99 -6.24
C ALA B 233 12.84 -19.27 -5.81
N LEU B 234 11.56 -19.43 -6.16
CA LEU B 234 10.73 -20.62 -5.82
C LEU B 234 11.43 -21.87 -6.34
N LYS B 235 11.92 -21.82 -7.58
CA LYS B 235 12.61 -22.94 -8.25
C LYS B 235 13.85 -23.31 -7.44
N GLN B 236 14.68 -22.32 -7.08
CA GLN B 236 15.90 -22.48 -6.24
C GLN B 236 15.59 -23.37 -5.03
N ILE B 237 14.51 -23.07 -4.31
CA ILE B 237 14.12 -23.81 -3.07
C ILE B 237 13.19 -24.97 -3.44
N ASP B 238 12.93 -25.18 -4.73
CA ASP B 238 12.04 -26.26 -5.23
C ASP B 238 10.75 -26.28 -4.40
N TYR B 239 10.08 -25.14 -4.31
CA TYR B 239 8.77 -24.96 -3.63
C TYR B 239 7.74 -25.93 -4.22
N ARG B 240 7.11 -26.72 -3.35
CA ARG B 240 6.00 -27.66 -3.68
C ARG B 240 4.87 -27.43 -2.68
N GLY B 241 4.11 -26.35 -2.86
CA GLY B 241 2.96 -26.00 -1.99
C GLY B 241 1.88 -25.28 -2.78
N PRO B 242 0.77 -24.89 -2.12
CA PRO B 242 -0.28 -24.12 -2.76
C PRO B 242 0.25 -22.81 -3.36
N ILE B 243 -0.20 -22.51 -4.57
CA ILE B 243 0.03 -21.21 -5.27
C ILE B 243 -1.35 -20.68 -5.68
N THR B 244 -1.82 -19.63 -5.02
CA THR B 244 -3.15 -19.02 -5.25
C THR B 244 -3.00 -17.73 -6.05
N PHE B 245 -3.72 -17.64 -7.16
CA PHE B 245 -3.97 -16.35 -7.88
C PHE B 245 -5.01 -15.57 -7.08
N GLU B 246 -4.61 -14.38 -6.64
CA GLU B 246 -5.44 -13.46 -5.82
C GLU B 246 -5.58 -12.15 -6.58
N SER B 247 -6.80 -11.66 -6.73
CA SER B 247 -7.11 -10.42 -7.48
C SER B 247 -8.36 -9.76 -6.89
N PHE B 248 -8.41 -8.42 -6.92
CA PHE B 248 -9.57 -7.62 -6.46
C PHE B 248 -9.92 -6.54 -7.49
N SER B 249 -11.21 -6.48 -7.86
CA SER B 249 -11.83 -5.41 -8.68
C SER B 249 -13.15 -5.00 -8.04
N SER B 250 -13.48 -3.70 -8.10
CA SER B 250 -14.78 -3.14 -7.65
C SER B 250 -15.91 -3.90 -8.34
N GLU B 251 -15.57 -4.66 -9.39
CA GLU B 251 -16.51 -5.49 -10.19
C GLU B 251 -17.15 -6.54 -9.26
N ILE B 252 -16.37 -7.12 -8.35
CA ILE B 252 -16.87 -8.14 -7.38
C ILE B 252 -16.43 -7.73 -5.96
N VAL B 253 -17.41 -7.33 -5.16
CA VAL B 253 -17.24 -6.67 -3.83
C VAL B 253 -17.72 -7.64 -2.76
N ASP B 254 -16.85 -8.00 -1.82
CA ASP B 254 -17.26 -8.44 -0.46
C ASP B 254 -17.33 -7.18 0.41
N PRO B 255 -18.51 -6.81 0.92
CA PRO B 255 -18.69 -5.50 1.57
C PRO B 255 -17.58 -5.20 2.58
N LYS B 256 -17.16 -6.20 3.36
CA LYS B 256 -16.10 -6.05 4.40
C LYS B 256 -14.71 -6.08 3.76
N LEU B 257 -14.28 -7.25 3.28
CA LEU B 257 -12.90 -7.50 2.80
C LEU B 257 -12.49 -6.42 1.78
N SER B 258 -13.33 -6.16 0.77
CA SER B 258 -13.02 -5.29 -0.38
C SER B 258 -12.68 -3.87 0.10
N ASN B 259 -13.43 -3.35 1.08
CA ASN B 259 -13.26 -1.97 1.62
C ASN B 259 -12.04 -1.96 2.54
N THR B 260 -11.85 -3.01 3.33
CA THR B 260 -10.66 -3.18 4.21
C THR B 260 -9.41 -3.19 3.32
N LEU B 261 -9.52 -3.72 2.11
CA LEU B 261 -8.36 -3.85 1.17
C LEU B 261 -8.31 -2.64 0.24
N CYS B 262 -9.23 -1.68 0.40
CA CYS B 262 -9.26 -0.41 -0.36
C CYS B 262 -9.32 -0.69 -1.86
N VAL B 263 -10.24 -1.56 -2.28
CA VAL B 263 -10.45 -1.92 -3.71
C VAL B 263 -11.42 -0.88 -4.31
N TRP B 264 -10.90 0.31 -4.61
CA TRP B 264 -11.65 1.46 -5.15
C TRP B 264 -11.85 1.30 -6.67
N ARG B 265 -10.91 0.63 -7.34
CA ARG B 265 -10.81 0.65 -8.83
C ARG B 265 -11.29 -0.68 -9.43
N ASN B 266 -11.80 -0.61 -10.66
CA ASN B 266 -12.21 -1.78 -11.49
C ASN B 266 -11.05 -2.16 -12.43
N LEU B 267 -10.29 -3.21 -12.08
CA LEU B 267 -9.09 -3.66 -12.84
C LEU B 267 -9.46 -4.83 -13.76
N TRP B 268 -10.70 -5.33 -13.66
CA TRP B 268 -11.26 -6.39 -14.54
C TRP B 268 -12.78 -6.47 -14.34
N HIS B 269 -13.47 -7.08 -15.30
CA HIS B 269 -14.95 -7.31 -15.30
C HIS B 269 -15.26 -8.78 -15.58
N ASP B 270 -14.39 -9.45 -16.37
CA ASP B 270 -14.58 -10.84 -16.82
C ASP B 270 -13.71 -11.78 -15.97
N SER B 271 -14.27 -12.27 -14.85
CA SER B 271 -13.65 -13.21 -13.90
C SER B 271 -12.96 -14.35 -14.67
N ASP B 272 -13.67 -14.99 -15.60
CA ASP B 272 -13.21 -16.20 -16.33
C ASP B 272 -11.97 -15.83 -17.16
N ASP B 273 -11.99 -14.67 -17.82
CA ASP B 273 -10.84 -14.19 -18.64
C ASP B 273 -9.66 -13.92 -17.71
N LEU B 274 -9.88 -13.21 -16.60
CA LEU B 274 -8.85 -12.90 -15.59
C LEU B 274 -8.23 -14.21 -15.10
N ALA B 275 -9.07 -15.09 -14.54
CA ALA B 275 -8.67 -16.35 -13.86
C ALA B 275 -7.94 -17.27 -14.84
N GLY B 276 -8.47 -17.42 -16.05
CA GLY B 276 -7.89 -18.27 -17.10
C GLY B 276 -6.51 -17.79 -17.51
N LYS B 277 -6.34 -16.48 -17.70
CA LYS B 277 -5.06 -15.88 -18.16
C LYS B 277 -4.05 -15.99 -17.01
N ALA B 278 -4.49 -15.81 -15.76
CA ALA B 278 -3.64 -15.89 -14.56
C ALA B 278 -3.00 -17.28 -14.50
N LEU B 279 -3.82 -18.33 -14.52
CA LEU B 279 -3.34 -19.73 -14.38
C LEU B 279 -2.28 -20.01 -15.45
N GLU B 280 -2.60 -19.68 -16.72
CA GLU B 280 -1.68 -19.84 -17.87
C GLU B 280 -0.37 -19.09 -17.58
N PHE B 281 -0.46 -17.83 -17.16
CA PHE B 281 0.69 -16.95 -16.81
C PHE B 281 1.58 -17.67 -15.79
N ILE B 282 0.96 -18.25 -14.76
CA ILE B 282 1.65 -18.92 -13.62
C ILE B 282 2.27 -20.24 -14.10
N LYS B 283 1.49 -21.07 -14.79
CA LYS B 283 1.94 -22.43 -15.23
C LYS B 283 3.05 -22.29 -16.26
N GLN B 284 3.08 -21.18 -17.01
CA GLN B 284 4.11 -20.85 -18.02
C GLN B 284 5.46 -20.63 -17.31
N ARG B 285 5.45 -20.09 -16.09
CA ARG B 285 6.67 -19.61 -15.39
C ARG B 285 7.05 -20.58 -14.27
N TYR B 286 6.13 -21.47 -13.87
CA TYR B 286 6.32 -22.43 -12.76
C TYR B 286 5.41 -23.65 -12.99
N GLY B 287 6.02 -24.83 -13.16
CA GLY B 287 5.31 -26.10 -13.40
C GLY B 287 6.26 -27.28 -13.52
MN MN C . 4.91 11.76 -1.90
MN MN D . -2.69 -12.57 -0.23
#